data_7BBP
#
_entry.id   7BBP
#
_cell.length_a   69.210
_cell.length_b   58.310
_cell.length_c   77.120
_cell.angle_alpha   90.000
_cell.angle_beta   99.080
_cell.angle_gamma   90.000
#
_symmetry.space_group_name_H-M   'P 1 21 1'
#
loop_
_entity.id
_entity.type
_entity.pdbx_description
1 polymer 'PH-interacting protein'
2 polymer 'Histone H4'
3 non-polymer 1,2-ETHANEDIOL
4 non-polymer 'ACETATE ION'
5 water water
#
loop_
_entity_poly.entity_id
_entity_poly.type
_entity_poly.pdbx_seq_one_letter_code
_entity_poly.pdbx_strand_id
1 'polypeptide(L)'
;SMSYDIQAWKKQCEELLNLIFQCEDSEPFRQPVDLLEYPDYRDIIDTPMDFATVRETLEAGNYESPMELCKDVRLIFSNS
KAYTPSKRSRIYSMSLRLSAFFEEHISSVLSDYKSALRFHKRNTITKR
;
AAA,BBB,CCC,DDD
2 'polypeptide(L)' SGRG(ALY)GG(ALY)GL FFF,GGG
#
loop_
_chem_comp.id
_chem_comp.type
_chem_comp.name
_chem_comp.formula
ACT non-polymer 'ACETATE ION' 'C2 H3 O2 -1'
EDO non-polymer 1,2-ETHANEDIOL 'C2 H6 O2'
#
# COMPACT_ATOMS: atom_id res chain seq x y z
N TYR A 4 -4.24 -43.12 18.47
CA TYR A 4 -5.60 -42.60 18.68
C TYR A 4 -5.67 -41.64 19.87
N ASP A 5 -4.64 -40.80 20.07
CA ASP A 5 -4.50 -39.91 21.26
C ASP A 5 -5.01 -38.49 20.95
N ILE A 6 -6.15 -38.08 21.54
CA ILE A 6 -6.78 -36.75 21.27
C ILE A 6 -6.04 -35.63 22.00
N GLN A 7 -5.03 -35.93 22.81
CA GLN A 7 -4.24 -34.91 23.58
C GLN A 7 -2.88 -34.69 22.94
N ALA A 8 -2.49 -35.57 22.00
CA ALA A 8 -1.13 -35.61 21.40
C ALA A 8 -0.77 -34.27 20.74
N TRP A 9 -1.77 -33.55 20.21
CA TRP A 9 -1.58 -32.31 19.41
C TRP A 9 -0.94 -31.20 20.27
N LYS A 10 -1.23 -31.17 21.57
CA LYS A 10 -0.75 -30.10 22.48
C LYS A 10 0.79 -30.05 22.46
N LYS A 11 1.46 -31.19 22.69
CA LYS A 11 2.94 -31.24 22.72
C LYS A 11 3.50 -31.11 21.30
N GLN A 12 2.85 -31.69 20.29
CA GLN A 12 3.25 -31.51 18.87
C GLN A 12 3.28 -30.01 18.51
N CYS A 13 2.24 -29.24 18.88
CA CYS A 13 2.12 -27.78 18.55
C CYS A 13 3.17 -27.00 19.35
N GLU A 14 3.46 -27.41 20.58
CA GLU A 14 4.53 -26.81 21.40
C GLU A 14 5.89 -26.97 20.68
N GLU A 15 6.19 -28.14 20.13
CA GLU A 15 7.48 -28.40 19.43
C GLU A 15 7.50 -27.62 18.11
N LEU A 16 6.38 -27.56 17.37
CA LEU A 16 6.32 -26.80 16.09
C LEU A 16 6.59 -25.31 16.37
N LEU A 17 6.01 -24.74 17.42
CA LEU A 17 6.26 -23.32 17.79
C LEU A 17 7.75 -23.12 18.11
N ASN A 18 8.39 -24.05 18.84
CA ASN A 18 9.85 -24.00 19.14
C ASN A 18 10.64 -23.96 17.81
N LEU A 19 10.30 -24.79 16.82
CA LEU A 19 10.95 -24.79 15.48
C LEU A 19 10.74 -23.41 14.80
N ILE A 20 9.53 -22.83 14.89
CA ILE A 20 9.24 -21.52 14.26
C ILE A 20 10.13 -20.45 14.88
N PHE A 21 10.18 -20.37 16.20
CA PHE A 21 10.95 -19.34 16.95
C PHE A 21 12.44 -19.46 16.60
N GLN A 22 12.94 -20.63 16.14
CA GLN A 22 14.40 -20.77 15.83
C GLN A 22 14.66 -20.47 14.36
N CYS A 23 13.64 -20.39 13.50
CA CYS A 23 13.76 -20.00 12.06
C CYS A 23 13.97 -18.46 11.99
N GLU A 24 14.97 -18.00 11.23
CA GLU A 24 15.30 -16.55 11.12
C GLU A 24 14.10 -15.79 10.53
N ASP A 25 13.32 -16.44 9.68
CA ASP A 25 12.14 -15.88 8.99
C ASP A 25 11.05 -15.45 10.00
N SER A 26 11.08 -15.94 11.24
CA SER A 26 10.02 -15.68 12.26
C SER A 26 10.26 -14.37 13.03
N GLU A 27 11.44 -13.77 12.90
CA GLU A 27 11.89 -12.66 13.78
C GLU A 27 10.86 -11.52 13.85
N PRO A 28 10.31 -11.03 12.70
CA PRO A 28 9.32 -9.94 12.73
C PRO A 28 7.97 -10.30 13.40
N PHE A 29 7.72 -11.60 13.62
CA PHE A 29 6.42 -12.13 14.09
C PHE A 29 6.51 -12.69 15.52
N ARG A 30 7.65 -12.55 16.22
CA ARG A 30 7.87 -13.20 17.54
C ARG A 30 7.17 -12.44 18.67
N GLN A 31 6.77 -11.18 18.45
CA GLN A 31 6.14 -10.31 19.45
C GLN A 31 5.16 -9.40 18.71
N PRO A 32 4.17 -8.77 19.40
CA PRO A 32 3.23 -7.86 18.76
C PRO A 32 3.94 -6.78 17.93
N VAL A 33 3.33 -6.38 16.82
CA VAL A 33 3.81 -5.20 16.03
C VAL A 33 3.80 -4.00 16.98
N ASP A 34 4.83 -3.16 16.91
CA ASP A 34 4.98 -1.94 17.75
C ASP A 34 4.13 -0.81 17.15
N LEU A 35 3.03 -0.46 17.81
CA LEU A 35 2.02 0.49 17.28
C LEU A 35 2.53 1.94 17.42
N LEU A 36 3.56 2.19 18.23
CA LEU A 36 4.22 3.52 18.29
C LEU A 36 5.12 3.69 17.06
N GLU A 37 5.85 2.66 16.67
CA GLU A 37 6.70 2.65 15.44
C GLU A 37 5.83 2.63 14.17
N TYR A 38 4.66 1.98 14.21
CA TYR A 38 3.77 1.84 13.01
C TYR A 38 2.38 2.33 13.39
N PRO A 39 2.16 3.66 13.58
CA PRO A 39 0.88 4.13 14.13
C PRO A 39 -0.31 4.00 13.18
N ASP A 40 -0.08 3.70 11.90
CA ASP A 40 -1.19 3.41 10.93
C ASP A 40 -1.57 1.91 10.92
N TYR A 41 -0.92 1.05 11.69
CA TYR A 41 -1.09 -0.42 11.63
C TYR A 41 -2.55 -0.81 11.88
N ARG A 42 -3.18 -0.24 12.91
CA ARG A 42 -4.58 -0.57 13.30
C ARG A 42 -5.59 0.09 12.35
N ASP A 43 -5.19 1.01 11.46
CA ASP A 43 -6.09 1.45 10.37
C ASP A 43 -6.32 0.30 9.35
N ILE A 44 -5.34 -0.60 9.18
CA ILE A 44 -5.35 -1.69 8.14
C ILE A 44 -5.75 -3.00 8.80
N ILE A 45 -5.27 -3.23 10.04
CA ILE A 45 -5.34 -4.56 10.71
C ILE A 45 -6.40 -4.52 11.83
N ASP A 46 -7.49 -5.29 11.67
CA ASP A 46 -8.64 -5.41 12.61
C ASP A 46 -8.21 -6.16 13.87
N THR A 47 -7.49 -7.30 13.73
CA THR A 47 -7.12 -8.21 14.85
C THR A 47 -5.65 -8.60 14.78
N PRO A 48 -4.75 -7.92 15.54
CA PRO A 48 -3.35 -8.28 15.59
C PRO A 48 -3.10 -9.69 16.13
N MET A 49 -1.98 -10.30 15.72
CA MET A 49 -1.61 -11.66 16.19
C MET A 49 -0.10 -11.85 15.98
N ASP A 50 0.52 -12.67 16.85
CA ASP A 50 1.99 -12.92 16.85
C ASP A 50 2.22 -14.29 17.53
N PHE A 51 3.41 -14.86 17.35
CA PHE A 51 3.72 -16.24 17.82
C PHE A 51 3.83 -16.30 19.36
N ALA A 52 4.20 -15.21 20.03
CA ALA A 52 4.26 -15.17 21.52
C ALA A 52 2.84 -15.31 22.09
N THR A 53 1.86 -14.62 21.52
CA THR A 53 0.43 -14.69 21.93
C THR A 53 -0.08 -16.13 21.70
N VAL A 54 0.25 -16.73 20.56
CA VAL A 54 -0.20 -18.12 20.26
C VAL A 54 0.40 -19.06 21.31
N ARG A 55 1.70 -18.98 21.57
CA ARG A 55 2.44 -19.84 22.54
C ARG A 55 1.81 -19.70 23.92
N GLU A 56 1.51 -18.47 24.34
CA GLU A 56 0.89 -18.17 25.66
C GLU A 56 -0.53 -18.77 25.74
N THR A 57 -1.34 -18.61 24.69
CA THR A 57 -2.73 -19.14 24.63
C THR A 57 -2.69 -20.66 24.78
N LEU A 58 -1.76 -21.33 24.11
CA LEU A 58 -1.59 -22.81 24.17
C LEU A 58 -1.20 -23.20 25.61
N GLU A 59 -0.14 -22.59 26.16
CA GLU A 59 0.43 -22.91 27.50
C GLU A 59 -0.67 -22.78 28.56
N ALA A 60 -1.54 -21.78 28.43
CA ALA A 60 -2.67 -21.53 29.36
C ALA A 60 -3.83 -22.52 29.13
N GLY A 61 -3.72 -23.42 28.15
CA GLY A 61 -4.78 -24.38 27.80
C GLY A 61 -6.05 -23.72 27.29
N ASN A 62 -5.96 -22.59 26.58
CA ASN A 62 -7.16 -21.88 26.07
C ASN A 62 -7.46 -22.23 24.61
N TYR A 63 -6.77 -23.21 24.02
CA TYR A 63 -7.16 -23.82 22.72
C TYR A 63 -7.79 -25.19 23.01
N GLU A 64 -9.00 -25.44 22.51
CA GLU A 64 -9.70 -26.75 22.66
C GLU A 64 -9.28 -27.73 21.55
N SER A 65 -8.70 -27.26 20.44
CA SER A 65 -8.37 -28.12 19.28
C SER A 65 -7.21 -27.49 18.50
N PRO A 66 -6.46 -28.30 17.73
CA PRO A 66 -5.37 -27.75 16.94
C PRO A 66 -5.86 -26.81 15.82
N MET A 67 -7.09 -26.97 15.35
N MET A 67 -7.10 -26.97 15.35
CA MET A 67 -7.66 -26.12 14.27
CA MET A 67 -7.63 -26.10 14.26
C MET A 67 -7.79 -24.68 14.81
C MET A 67 -7.79 -24.67 14.81
N GLU A 68 -8.15 -24.50 16.09
CA GLU A 68 -8.22 -23.15 16.73
C GLU A 68 -6.84 -22.50 16.69
N LEU A 69 -5.79 -23.24 17.04
CA LEU A 69 -4.40 -22.72 17.02
C LEU A 69 -3.99 -22.36 15.57
N CYS A 70 -4.28 -23.25 14.62
CA CYS A 70 -3.96 -23.06 13.18
C CYS A 70 -4.56 -21.75 12.64
N LYS A 71 -5.79 -21.40 13.03
CA LYS A 71 -6.48 -20.21 12.46
C LYS A 71 -5.82 -18.97 13.06
N ASP A 72 -5.29 -19.00 14.28
CA ASP A 72 -4.55 -17.84 14.83
C ASP A 72 -3.24 -17.66 14.06
N VAL A 73 -2.53 -18.75 13.77
CA VAL A 73 -1.25 -18.66 13.02
C VAL A 73 -1.54 -18.10 11.60
N ARG A 74 -2.60 -18.55 10.95
CA ARG A 74 -2.94 -18.08 9.57
C ARG A 74 -3.19 -16.56 9.59
N LEU A 75 -3.74 -16.03 10.67
CA LEU A 75 -4.01 -14.59 10.84
C LEU A 75 -2.69 -13.79 10.87
N ILE A 76 -1.62 -14.35 11.44
CA ILE A 76 -0.28 -13.71 11.40
C ILE A 76 0.11 -13.46 9.93
N PHE A 77 -0.08 -14.44 9.05
CA PHE A 77 0.33 -14.31 7.61
C PHE A 77 -0.70 -13.44 6.85
N SER A 78 -2.00 -13.49 7.17
CA SER A 78 -3.01 -12.58 6.58
C SER A 78 -2.66 -11.12 6.88
N ASN A 79 -2.33 -10.82 8.14
CA ASN A 79 -1.97 -9.44 8.58
C ASN A 79 -0.67 -9.01 7.87
N SER A 80 0.34 -9.87 7.78
CA SER A 80 1.63 -9.55 7.13
C SER A 80 1.41 -9.09 5.69
N LYS A 81 0.64 -9.86 4.91
CA LYS A 81 0.40 -9.54 3.49
C LYS A 81 -0.44 -8.25 3.38
N ALA A 82 -1.45 -8.07 4.23
CA ALA A 82 -2.32 -6.87 4.17
C ALA A 82 -1.51 -5.58 4.42
N TYR A 83 -0.56 -5.60 5.36
CA TYR A 83 0.20 -4.38 5.74
C TYR A 83 1.36 -4.14 4.77
N THR A 84 2.03 -5.20 4.30
CA THR A 84 3.14 -5.11 3.32
C THR A 84 2.90 -6.05 2.14
N PRO A 85 2.05 -5.68 1.16
CA PRO A 85 1.78 -6.57 0.02
C PRO A 85 2.86 -6.61 -1.07
N SER A 86 3.85 -5.72 -1.04
CA SER A 86 4.90 -5.65 -2.09
C SER A 86 5.63 -6.98 -2.16
N LYS A 87 5.52 -7.64 -3.32
CA LYS A 87 6.16 -8.95 -3.63
C LYS A 87 7.69 -8.80 -3.64
N ARG A 88 8.26 -7.59 -3.73
CA ARG A 88 9.74 -7.41 -3.71
C ARG A 88 10.28 -7.15 -2.29
N SER A 89 9.44 -7.00 -1.29
CA SER A 89 9.87 -6.68 0.11
C SER A 89 10.48 -7.94 0.74
N ARG A 90 11.39 -7.76 1.70
CA ARG A 90 12.03 -8.92 2.40
C ARG A 90 10.96 -9.63 3.25
N ILE A 91 10.07 -8.89 3.91
CA ILE A 91 9.05 -9.52 4.80
C ILE A 91 8.07 -10.39 3.99
N TYR A 92 7.76 -10.05 2.74
CA TYR A 92 6.84 -10.89 1.91
C TYR A 92 7.47 -12.27 1.69
N SER A 93 8.77 -12.32 1.37
CA SER A 93 9.44 -13.61 1.06
C SER A 93 9.63 -14.42 2.34
N MET A 94 9.95 -13.78 3.46
CA MET A 94 10.02 -14.42 4.78
C MET A 94 8.65 -15.01 5.15
N SER A 95 7.54 -14.30 4.88
CA SER A 95 6.16 -14.76 5.17
C SER A 95 5.86 -16.01 4.35
N LEU A 96 6.18 -16.00 3.05
CA LEU A 96 5.86 -17.13 2.14
C LEU A 96 6.59 -18.41 2.61
N ARG A 97 7.87 -18.29 2.98
CA ARG A 97 8.71 -19.47 3.36
C ARG A 97 8.22 -20.04 4.70
N LEU A 98 7.96 -19.17 5.69
CA LEU A 98 7.55 -19.60 7.05
C LEU A 98 6.15 -20.22 6.99
N SER A 99 5.26 -19.69 6.15
CA SER A 99 3.88 -20.19 5.95
C SER A 99 3.93 -21.61 5.37
N ALA A 100 4.74 -21.83 4.32
CA ALA A 100 4.96 -23.17 3.71
C ALA A 100 5.46 -24.15 4.78
N PHE A 101 6.44 -23.76 5.58
CA PHE A 101 7.04 -24.61 6.65
C PHE A 101 5.94 -24.99 7.65
N PHE A 102 5.16 -24.02 8.14
CA PHE A 102 4.06 -24.26 9.10
C PHE A 102 3.03 -25.24 8.50
N GLU A 103 2.56 -25.00 7.27
CA GLU A 103 1.48 -25.82 6.66
C GLU A 103 1.95 -27.28 6.51
N GLU A 104 3.21 -27.50 6.11
CA GLU A 104 3.78 -28.84 5.88
C GLU A 104 3.81 -29.65 7.18
N HIS A 105 4.10 -29.02 8.32
CA HIS A 105 4.19 -29.68 9.66
C HIS A 105 2.81 -29.80 10.32
N ILE A 106 1.92 -28.82 10.13
CA ILE A 106 0.61 -28.83 10.85
C ILE A 106 -0.32 -29.87 10.21
N SER A 107 -0.15 -30.19 8.92
CA SER A 107 -1.09 -31.07 8.18
C SER A 107 -1.24 -32.42 8.91
N SER A 108 -0.15 -33.06 9.31
CA SER A 108 -0.23 -34.41 9.95
C SER A 108 -0.75 -34.26 11.39
N VAL A 109 -0.52 -33.13 12.07
CA VAL A 109 -1.10 -32.85 13.41
C VAL A 109 -2.64 -32.83 13.27
N LEU A 110 -3.16 -32.12 12.26
CA LEU A 110 -4.63 -32.02 12.03
C LEU A 110 -5.21 -33.39 11.65
N SER A 111 -4.60 -34.14 10.73
CA SER A 111 -5.19 -35.42 10.24
C SER A 111 -5.12 -36.49 11.34
N ASP A 112 -4.04 -36.55 12.12
CA ASP A 112 -3.92 -37.47 13.30
C ASP A 112 -5.04 -37.14 14.30
N TYR A 113 -5.27 -35.85 14.59
CA TYR A 113 -6.30 -35.42 15.56
C TYR A 113 -7.69 -35.80 15.05
N LYS A 114 -7.99 -35.55 13.77
CA LYS A 114 -9.30 -35.87 13.13
C LYS A 114 -9.56 -37.38 13.21
N SER A 115 -8.56 -38.22 12.91
CA SER A 115 -8.63 -39.72 13.03
C SER A 115 -9.02 -40.09 14.47
N ALA A 116 -8.27 -39.59 15.45
CA ALA A 116 -8.48 -39.85 16.89
C ALA A 116 -9.91 -39.45 17.29
N LEU A 117 -10.39 -38.32 16.80
CA LEU A 117 -11.72 -37.75 17.16
C LEU A 117 -12.84 -38.67 16.64
N ARG A 118 -12.73 -39.14 15.40
CA ARG A 118 -13.67 -40.13 14.79
C ARG A 118 -13.86 -41.31 15.75
N PHE A 119 -12.75 -41.89 16.26
CA PHE A 119 -12.74 -43.08 17.14
C PHE A 119 -13.58 -42.87 18.41
N HIS A 120 -13.52 -41.68 19.03
CA HIS A 120 -14.17 -41.37 20.34
C HIS A 120 -15.69 -41.34 20.22
N MET B 2 -30.12 -32.83 26.87
CA MET B 2 -31.01 -31.64 26.67
C MET B 2 -30.46 -30.45 27.46
N SER B 3 -30.30 -30.54 28.79
CA SER B 3 -29.58 -29.51 29.58
C SER B 3 -28.06 -29.65 29.33
N TYR B 4 -27.29 -28.55 29.32
CA TYR B 4 -25.80 -28.55 29.22
C TYR B 4 -25.41 -29.44 28.03
N ASP B 5 -25.94 -29.08 26.86
CA ASP B 5 -25.86 -29.79 25.57
C ASP B 5 -24.67 -29.26 24.73
N ILE B 6 -23.63 -30.07 24.54
CA ILE B 6 -22.39 -29.65 23.82
C ILE B 6 -22.62 -29.64 22.30
N GLN B 7 -23.79 -30.01 21.79
CA GLN B 7 -24.11 -30.03 20.34
C GLN B 7 -25.04 -28.86 19.99
N ALA B 8 -25.60 -28.18 21.00
CA ALA B 8 -26.63 -27.15 20.82
C ALA B 8 -26.14 -25.99 19.92
N TRP B 9 -24.84 -25.72 19.91
CA TRP B 9 -24.22 -24.57 19.18
C TRP B 9 -24.43 -24.71 17.65
N LYS B 10 -24.49 -25.94 17.14
CA LYS B 10 -24.61 -26.21 15.68
C LYS B 10 -25.90 -25.56 15.16
N LYS B 11 -27.06 -25.83 15.78
CA LYS B 11 -28.36 -25.26 15.35
C LYS B 11 -28.43 -23.76 15.68
N GLN B 12 -27.90 -23.32 16.82
CA GLN B 12 -27.81 -21.87 17.16
C GLN B 12 -27.03 -21.11 16.06
N CYS B 13 -25.88 -21.63 15.61
CA CYS B 13 -25.03 -20.96 14.56
C CYS B 13 -25.75 -21.00 13.22
N GLU B 14 -26.48 -22.08 12.93
CA GLU B 14 -27.33 -22.16 11.71
C GLU B 14 -28.36 -21.02 11.71
N GLU B 15 -29.04 -20.78 12.83
CA GLU B 15 -30.07 -19.70 12.94
C GLU B 15 -29.40 -18.33 12.86
N LEU B 16 -28.23 -18.14 13.50
CA LEU B 16 -27.51 -16.83 13.44
C LEU B 16 -27.11 -16.55 11.99
N LEU B 17 -26.60 -17.53 11.24
CA LEU B 17 -26.23 -17.32 9.82
C LEU B 17 -27.48 -16.92 9.00
N ASN B 18 -28.63 -17.55 9.26
CA ASN B 18 -29.93 -17.19 8.60
C ASN B 18 -30.25 -15.71 8.88
N LEU B 19 -30.12 -15.24 10.12
CA LEU B 19 -30.33 -13.81 10.48
C LEU B 19 -29.32 -12.92 9.75
N ILE B 20 -28.05 -13.33 9.62
CA ILE B 20 -27.01 -12.51 8.92
C ILE B 20 -27.43 -12.35 7.45
N PHE B 21 -27.82 -13.43 6.78
CA PHE B 21 -28.21 -13.42 5.35
C PHE B 21 -29.43 -12.51 5.13
N GLN B 22 -30.27 -12.30 6.16
CA GLN B 22 -31.49 -11.44 6.12
C GLN B 22 -31.14 -9.96 6.33
N CYS B 23 -30.01 -9.65 6.97
N CYS B 23 -30.01 -9.66 6.97
CA CYS B 23 -29.51 -8.27 7.20
CA CYS B 23 -29.50 -8.27 7.20
C CYS B 23 -28.98 -7.69 5.89
C CYS B 23 -28.98 -7.69 5.87
N GLU B 24 -29.41 -6.48 5.51
CA GLU B 24 -29.00 -5.78 4.27
C GLU B 24 -27.47 -5.61 4.26
N ASP B 25 -26.86 -5.42 5.44
CA ASP B 25 -25.42 -5.14 5.63
C ASP B 25 -24.57 -6.34 5.17
N SER B 26 -25.15 -7.54 5.04
CA SER B 26 -24.41 -8.78 4.71
C SER B 26 -24.19 -8.94 3.19
N GLU B 27 -24.88 -8.15 2.36
CA GLU B 27 -24.98 -8.36 0.88
C GLU B 27 -23.59 -8.51 0.24
N PRO B 28 -22.60 -7.63 0.52
CA PRO B 28 -21.28 -7.76 -0.11
C PRO B 28 -20.45 -8.98 0.35
N PHE B 29 -20.88 -9.66 1.42
CA PHE B 29 -20.16 -10.77 2.09
C PHE B 29 -20.86 -12.12 1.87
N ARG B 30 -21.96 -12.17 1.09
CA ARG B 30 -22.80 -13.40 0.95
C ARG B 30 -22.12 -14.42 0.02
N GLN B 31 -21.18 -13.99 -0.82
CA GLN B 31 -20.53 -14.86 -1.82
C GLN B 31 -19.08 -14.40 -1.95
N PRO B 32 -18.16 -15.24 -2.48
CA PRO B 32 -16.77 -14.84 -2.71
C PRO B 32 -16.65 -13.55 -3.53
N VAL B 33 -15.66 -12.73 -3.19
CA VAL B 33 -15.35 -11.47 -3.93
C VAL B 33 -15.09 -11.84 -5.39
N ASP B 34 -15.61 -11.03 -6.32
CA ASP B 34 -15.46 -11.25 -7.78
C ASP B 34 -14.09 -10.73 -8.24
N LEU B 35 -13.19 -11.64 -8.62
CA LEU B 35 -11.79 -11.30 -8.97
C LEU B 35 -11.69 -10.67 -10.36
N LEU B 36 -12.72 -10.77 -11.20
CA LEU B 36 -12.81 -10.01 -12.50
C LEU B 36 -13.07 -8.53 -12.18
N GLU B 37 -13.99 -8.25 -11.25
CA GLU B 37 -14.32 -6.87 -10.83
C GLU B 37 -13.17 -6.28 -9.99
N TYR B 38 -12.50 -7.09 -9.17
CA TYR B 38 -11.43 -6.60 -8.22
C TYR B 38 -10.17 -7.43 -8.42
N PRO B 39 -9.43 -7.26 -9.53
CA PRO B 39 -8.33 -8.18 -9.84
C PRO B 39 -7.12 -8.05 -8.91
N ASP B 40 -7.04 -6.98 -8.10
CA ASP B 40 -5.94 -6.85 -7.10
C ASP B 40 -6.34 -7.42 -5.73
N TYR B 41 -7.54 -7.98 -5.56
CA TYR B 41 -8.04 -8.47 -4.23
C TYR B 41 -7.03 -9.40 -3.53
N ARG B 42 -6.56 -10.43 -4.24
CA ARG B 42 -5.65 -11.47 -3.68
C ARG B 42 -4.21 -10.95 -3.60
N ASP B 43 -3.88 -9.77 -4.13
CA ASP B 43 -2.58 -9.11 -3.81
C ASP B 43 -2.56 -8.62 -2.35
N ILE B 44 -3.74 -8.31 -1.78
CA ILE B 44 -3.88 -7.72 -0.40
C ILE B 44 -4.34 -8.83 0.57
N ILE B 45 -5.22 -9.71 0.09
CA ILE B 45 -5.98 -10.68 0.93
C ILE B 45 -5.41 -12.10 0.73
N ASP B 46 -4.80 -12.66 1.78
CA ASP B 46 -4.11 -13.99 1.77
C ASP B 46 -5.13 -15.13 1.68
N THR B 47 -6.21 -15.06 2.45
CA THR B 47 -7.25 -16.11 2.57
C THR B 47 -8.66 -15.49 2.50
N PRO B 48 -9.28 -15.49 1.29
CA PRO B 48 -10.66 -15.01 1.15
C PRO B 48 -11.65 -15.82 1.97
N MET B 49 -12.75 -15.17 2.38
CA MET B 49 -13.79 -15.83 3.20
C MET B 49 -15.09 -15.07 3.03
N ASP B 50 -16.22 -15.79 3.12
CA ASP B 50 -17.58 -15.25 2.88
C ASP B 50 -18.59 -16.12 3.64
N PHE B 51 -19.80 -15.62 3.85
CA PHE B 51 -20.82 -16.30 4.71
C PHE B 51 -21.38 -17.57 4.04
N ALA B 52 -21.36 -17.67 2.70
CA ALA B 52 -21.80 -18.90 1.99
C ALA B 52 -20.82 -20.04 2.31
N THR B 53 -19.51 -19.76 2.29
CA THR B 53 -18.45 -20.74 2.64
C THR B 53 -18.62 -21.17 4.10
N VAL B 54 -18.87 -20.23 5.02
CA VAL B 54 -19.03 -20.55 6.46
C VAL B 54 -20.25 -21.49 6.60
N ARG B 55 -21.38 -21.13 6.00
CA ARG B 55 -22.65 -21.91 6.06
C ARG B 55 -22.41 -23.32 5.53
N GLU B 56 -21.70 -23.45 4.43
CA GLU B 56 -21.37 -24.76 3.78
C GLU B 56 -20.47 -25.59 4.70
N THR B 57 -19.44 -25.00 5.30
CA THR B 57 -18.48 -25.68 6.22
C THR B 57 -19.25 -26.23 7.42
N LEU B 58 -20.21 -25.45 7.96
CA LEU B 58 -21.06 -25.89 9.10
C LEU B 58 -21.91 -27.09 8.65
N GLU B 59 -22.67 -26.92 7.56
CA GLU B 59 -23.61 -27.94 7.01
C GLU B 59 -22.87 -29.26 6.78
N ALA B 60 -21.63 -29.20 6.31
CA ALA B 60 -20.76 -30.39 6.06
C ALA B 60 -20.21 -30.97 7.36
N GLY B 61 -20.48 -30.35 8.52
CA GLY B 61 -19.96 -30.78 9.83
C GLY B 61 -18.45 -30.66 9.95
N ASN B 62 -17.81 -29.69 9.31
CA ASN B 62 -16.33 -29.53 9.38
C ASN B 62 -15.90 -28.52 10.44
N TYR B 63 -16.81 -28.01 11.27
CA TYR B 63 -16.46 -27.22 12.49
C TYR B 63 -16.68 -28.13 13.70
N GLU B 64 -15.68 -28.28 14.57
CA GLU B 64 -15.78 -29.14 15.78
C GLU B 64 -16.19 -28.30 16.99
N SER B 65 -16.16 -26.96 16.91
CA SER B 65 -16.52 -26.06 18.03
C SER B 65 -17.00 -24.73 17.47
N PRO B 66 -17.81 -23.95 18.22
CA PRO B 66 -18.23 -22.65 17.73
C PRO B 66 -17.05 -21.67 17.61
N MET B 67 -15.99 -21.83 18.38
CA MET B 67 -14.78 -20.95 18.29
C MET B 67 -14.11 -21.14 16.92
N GLU B 68 -14.10 -22.35 16.35
CA GLU B 68 -13.57 -22.61 14.97
C GLU B 68 -14.40 -21.81 13.97
N LEU B 69 -15.72 -21.81 14.09
CA LEU B 69 -16.62 -21.02 13.20
C LEU B 69 -16.35 -19.52 13.36
N CYS B 70 -16.21 -19.06 14.60
CA CYS B 70 -15.88 -17.63 14.89
C CYS B 70 -14.61 -17.19 14.18
N LYS B 71 -13.58 -18.03 14.09
CA LYS B 71 -12.28 -17.67 13.46
C LYS B 71 -12.52 -17.36 11.97
N ASP B 72 -13.39 -18.12 11.28
CA ASP B 72 -13.67 -17.86 9.85
C ASP B 72 -14.49 -16.55 9.74
N VAL B 73 -15.44 -16.31 10.61
CA VAL B 73 -16.26 -15.07 10.55
C VAL B 73 -15.35 -13.85 10.81
N ARG B 74 -14.41 -13.95 11.75
CA ARG B 74 -13.44 -12.86 12.08
C ARG B 74 -12.66 -12.48 10.81
N LEU B 75 -12.31 -13.47 10.01
CA LEU B 75 -11.55 -13.30 8.74
C LEU B 75 -12.36 -12.47 7.73
N ILE B 76 -13.69 -12.63 7.69
CA ILE B 76 -14.55 -11.83 6.78
C ILE B 76 -14.37 -10.35 7.13
N PHE B 77 -14.40 -10.00 8.43
CA PHE B 77 -14.27 -8.58 8.87
C PHE B 77 -12.84 -8.07 8.74
N SER B 78 -11.84 -8.91 9.03
N SER B 78 -11.83 -8.91 9.04
CA SER B 78 -10.40 -8.56 8.85
CA SER B 78 -10.39 -8.57 8.86
C SER B 78 -10.12 -8.26 7.38
C SER B 78 -10.12 -8.26 7.38
N ASN B 79 -10.62 -9.08 6.46
CA ASN B 79 -10.41 -8.86 5.00
C ASN B 79 -11.10 -7.57 4.57
N SER B 80 -12.32 -7.30 5.04
CA SER B 80 -13.08 -6.08 4.66
C SER B 80 -12.26 -4.82 5.00
N LYS B 81 -11.74 -4.75 6.23
CA LYS B 81 -10.95 -3.58 6.67
C LYS B 81 -9.63 -3.47 5.88
N ALA B 82 -8.95 -4.59 5.64
CA ALA B 82 -7.64 -4.58 4.95
C ALA B 82 -7.78 -4.05 3.51
N TYR B 83 -8.86 -4.43 2.81
CA TYR B 83 -9.03 -4.08 1.38
C TYR B 83 -9.63 -2.66 1.26
N THR B 84 -10.55 -2.28 2.14
CA THR B 84 -11.17 -0.92 2.16
C THR B 84 -11.10 -0.32 3.56
N PRO B 85 -9.96 0.24 3.97
CA PRO B 85 -9.84 0.82 5.32
C PRO B 85 -10.50 2.20 5.53
N SER B 86 -10.91 2.89 4.46
CA SER B 86 -11.46 4.25 4.54
C SER B 86 -12.73 4.22 5.40
N LYS B 87 -12.68 4.94 6.52
CA LYS B 87 -13.80 5.09 7.48
C LYS B 87 -14.98 5.83 6.84
N ARG B 88 -14.83 6.52 5.72
CA ARG B 88 -15.97 7.21 5.03
C ARG B 88 -16.64 6.32 3.97
N SER B 89 -16.13 5.12 3.69
CA SER B 89 -16.70 4.23 2.65
C SER B 89 -17.98 3.60 3.18
N ARG B 90 -18.89 3.22 2.28
CA ARG B 90 -20.16 2.53 2.62
C ARG B 90 -19.84 1.16 3.24
N ILE B 91 -18.88 0.42 2.66
CA ILE B 91 -18.60 -0.97 3.14
C ILE B 91 -18.01 -0.93 4.55
N TYR B 92 -17.25 0.10 4.94
CA TYR B 92 -16.69 0.18 6.31
C TYR B 92 -17.83 0.25 7.34
N SER B 93 -18.84 1.08 7.07
CA SER B 93 -19.97 1.26 8.04
C SER B 93 -20.86 0.00 8.08
N MET B 94 -21.10 -0.63 6.94
CA MET B 94 -21.79 -1.94 6.87
C MET B 94 -21.03 -3.00 7.69
N SER B 95 -19.70 -3.04 7.59
CA SER B 95 -18.83 -4.00 8.30
C SER B 95 -18.97 -3.78 9.82
N LEU B 96 -18.91 -2.52 10.27
CA LEU B 96 -18.97 -2.20 11.73
C LEU B 96 -20.30 -2.69 12.32
N ARG B 97 -21.42 -2.44 11.62
CA ARG B 97 -22.78 -2.78 12.13
C ARG B 97 -22.96 -4.30 12.16
N LEU B 98 -22.54 -5.00 11.09
CA LEU B 98 -22.74 -6.47 10.99
C LEU B 98 -21.84 -7.18 12.01
N SER B 99 -20.64 -6.68 12.26
CA SER B 99 -19.68 -7.22 13.26
C SER B 99 -20.30 -7.10 14.67
N ALA B 100 -20.86 -5.94 15.03
CA ALA B 100 -21.58 -5.72 16.32
C ALA B 100 -22.74 -6.73 16.45
N PHE B 101 -23.53 -6.89 15.39
CA PHE B 101 -24.70 -7.82 15.34
C PHE B 101 -24.21 -9.24 15.62
N PHE B 102 -23.17 -9.69 14.91
CA PHE B 102 -22.61 -11.06 15.08
C PHE B 102 -22.12 -11.24 16.51
N GLU B 103 -21.31 -10.31 17.03
CA GLU B 103 -20.68 -10.45 18.38
C GLU B 103 -21.77 -10.54 19.48
N GLU B 104 -22.84 -9.75 19.36
CA GLU B 104 -23.86 -9.65 20.44
C GLU B 104 -24.66 -10.96 20.43
N HIS B 105 -24.84 -11.66 19.31
CA HIS B 105 -25.57 -12.95 19.26
C HIS B 105 -24.64 -14.12 19.60
N ILE B 106 -23.37 -14.08 19.20
CA ILE B 106 -22.48 -15.26 19.34
C ILE B 106 -22.04 -15.38 20.79
N SER B 107 -22.03 -14.27 21.55
CA SER B 107 -21.60 -14.24 22.98
C SER B 107 -22.27 -15.36 23.78
N SER B 108 -23.59 -15.47 23.74
CA SER B 108 -24.33 -16.46 24.57
C SER B 108 -24.16 -17.86 23.98
N VAL B 109 -23.91 -18.01 22.68
CA VAL B 109 -23.56 -19.33 22.07
C VAL B 109 -22.24 -19.82 22.65
N LEU B 110 -21.22 -18.96 22.73
CA LEU B 110 -19.90 -19.34 23.30
C LEU B 110 -20.02 -19.62 24.80
N SER B 111 -20.75 -18.82 25.58
CA SER B 111 -20.82 -19.02 27.07
C SER B 111 -21.65 -20.28 27.39
N ASP B 112 -22.74 -20.54 26.68
CA ASP B 112 -23.50 -21.82 26.80
C ASP B 112 -22.59 -23.02 26.50
N TYR B 113 -21.80 -22.96 25.45
CA TYR B 113 -20.90 -24.06 25.02
C TYR B 113 -19.84 -24.31 26.09
N LYS B 114 -19.21 -23.23 26.58
CA LYS B 114 -18.16 -23.34 27.62
C LYS B 114 -18.73 -23.90 28.92
N SER B 115 -19.92 -23.47 29.35
CA SER B 115 -20.65 -24.05 30.53
C SER B 115 -20.83 -25.57 30.36
N ALA B 116 -21.37 -25.98 29.22
CA ALA B 116 -21.65 -27.40 28.88
C ALA B 116 -20.34 -28.20 28.94
N LEU B 117 -19.25 -27.62 28.44
CA LEU B 117 -17.94 -28.30 28.37
C LEU B 117 -17.39 -28.54 29.79
N ARG B 118 -17.47 -27.53 30.65
CA ARG B 118 -17.04 -27.63 32.09
C ARG B 118 -17.80 -28.80 32.73
N PHE B 119 -19.13 -28.86 32.54
CA PHE B 119 -20.08 -29.83 33.16
C PHE B 119 -19.59 -31.28 32.98
N HIS B 120 -18.95 -31.61 31.86
CA HIS B 120 -18.19 -32.87 31.66
C HIS B 120 -16.84 -32.76 32.39
N LYS B 121 -16.82 -33.14 33.67
CA LYS B 121 -15.70 -32.95 34.64
C LYS B 121 -16.29 -32.70 36.03
N TYR C 4 12.72 23.94 -38.69
CA TYR C 4 13.70 24.65 -37.85
C TYR C 4 13.00 25.70 -36.97
N ASP C 5 11.73 25.51 -36.59
CA ASP C 5 10.91 26.51 -35.87
C ASP C 5 10.94 26.24 -34.35
N ILE C 6 11.57 27.11 -33.56
CA ILE C 6 11.74 26.91 -32.08
C ILE C 6 10.44 27.27 -31.35
N GLN C 7 9.39 27.73 -32.03
CA GLN C 7 8.08 28.08 -31.42
C GLN C 7 7.05 26.98 -31.71
N ALA C 8 7.36 26.07 -32.64
CA ALA C 8 6.41 25.06 -33.17
C ALA C 8 5.88 24.15 -32.04
N TRP C 9 6.65 23.93 -30.98
CA TRP C 9 6.33 23.00 -29.87
C TRP C 9 5.08 23.48 -29.10
N LYS C 10 4.87 24.79 -29.03
CA LYS C 10 3.73 25.39 -28.28
C LYS C 10 2.41 24.85 -28.84
N LYS C 11 2.20 24.94 -30.15
CA LYS C 11 0.95 24.48 -30.81
C LYS C 11 0.90 22.94 -30.81
N GLN C 12 2.02 22.24 -31.01
CA GLN C 12 2.09 20.75 -30.92
C GLN C 12 1.61 20.29 -29.53
N CYS C 13 2.10 20.91 -28.45
CA CYS C 13 1.78 20.54 -27.05
C CYS C 13 0.29 20.87 -26.77
N GLU C 14 -0.20 21.98 -27.33
CA GLU C 14 -1.62 22.37 -27.23
C GLU C 14 -2.49 21.27 -27.83
N GLU C 15 -2.14 20.75 -29.01
CA GLU C 15 -2.92 19.68 -29.70
C GLU C 15 -2.85 18.39 -28.88
N LEU C 16 -1.66 18.03 -28.35
CA LEU C 16 -1.50 16.79 -27.57
C LEU C 16 -2.39 16.86 -26.31
N LEU C 17 -2.38 17.99 -25.60
CA LEU C 17 -3.22 18.15 -24.39
C LEU C 17 -4.72 18.03 -24.78
N ASN C 18 -5.13 18.63 -25.90
CA ASN C 18 -6.54 18.56 -26.38
C ASN C 18 -6.91 17.08 -26.62
N LEU C 19 -6.03 16.28 -27.23
CA LEU C 19 -6.27 14.81 -27.42
C LEU C 19 -6.40 14.11 -26.06
N ILE C 20 -5.56 14.47 -25.08
CA ILE C 20 -5.60 13.85 -23.73
C ILE C 20 -6.97 14.13 -23.09
N PHE C 21 -7.45 15.38 -23.12
CA PHE C 21 -8.74 15.78 -22.51
C PHE C 21 -9.90 14.99 -23.14
N GLN C 22 -9.76 14.53 -24.39
CA GLN C 22 -10.77 13.73 -25.14
C GLN C 22 -10.72 12.24 -24.78
N CYS C 23 -9.58 11.74 -24.27
CA CYS C 23 -9.37 10.32 -23.86
C CYS C 23 -10.13 10.06 -22.54
N GLU C 24 -10.96 9.02 -22.47
CA GLU C 24 -11.71 8.65 -21.23
C GLU C 24 -10.73 8.39 -20.07
N ASP C 25 -9.52 7.88 -20.37
CA ASP C 25 -8.49 7.53 -19.36
C ASP C 25 -8.02 8.78 -18.58
N SER C 26 -8.25 9.99 -19.11
CA SER C 26 -7.73 11.26 -18.53
C SER C 26 -8.64 11.80 -17.41
N GLU C 27 -9.85 11.28 -17.28
CA GLU C 27 -10.91 11.87 -16.42
C GLU C 27 -10.42 12.09 -14.99
N PRO C 28 -9.76 11.12 -14.31
CA PRO C 28 -9.29 11.34 -12.94
C PRO C 28 -8.16 12.39 -12.78
N PHE C 29 -7.54 12.80 -13.88
CA PHE C 29 -6.33 13.68 -13.92
C PHE C 29 -6.66 15.07 -14.48
N ARG C 30 -7.93 15.36 -14.82
CA ARG C 30 -8.33 16.61 -15.51
C ARG C 30 -8.34 17.80 -14.55
N GLN C 31 -8.42 17.55 -13.24
CA GLN C 31 -8.50 18.62 -12.23
C GLN C 31 -7.70 18.16 -11.02
N PRO C 32 -7.29 19.07 -10.10
CA PRO C 32 -6.57 18.65 -8.91
C PRO C 32 -7.31 17.55 -8.14
N VAL C 33 -6.54 16.64 -7.52
CA VAL C 33 -7.16 15.57 -6.67
C VAL C 33 -7.98 16.28 -5.58
N ASP C 34 -9.17 15.74 -5.27
CA ASP C 34 -10.13 16.33 -4.29
C ASP C 34 -9.68 15.99 -2.87
N LEU C 35 -9.19 16.97 -2.11
CA LEU C 35 -8.58 16.79 -0.78
C LEU C 35 -9.65 16.51 0.28
N LEU C 36 -10.92 16.80 0.00
CA LEU C 36 -12.06 16.43 0.90
C LEU C 36 -12.32 14.93 0.76
N GLU C 37 -12.32 14.43 -0.47
CA GLU C 37 -12.49 12.98 -0.76
C GLU C 37 -11.25 12.16 -0.32
N TYR C 38 -10.04 12.73 -0.43
CA TYR C 38 -8.76 12.03 -0.16
C TYR C 38 -7.93 12.89 0.82
N PRO C 39 -8.33 12.99 2.11
CA PRO C 39 -7.73 13.99 3.01
C PRO C 39 -6.28 13.70 3.42
N ASP C 40 -5.78 12.49 3.15
CA ASP C 40 -4.36 12.11 3.44
C ASP C 40 -3.45 12.36 2.23
N TYR C 41 -3.96 12.91 1.11
CA TYR C 41 -3.23 13.02 -0.18
C TYR C 41 -1.87 13.73 0.00
N ARG C 42 -1.86 14.87 0.69
CA ARG C 42 -0.65 15.70 0.87
C ARG C 42 0.29 15.10 1.91
N ASP C 43 -0.10 14.07 2.67
CA ASP C 43 0.87 13.31 3.50
C ASP C 43 1.82 12.50 2.60
N ILE C 44 1.37 12.08 1.40
CA ILE C 44 2.16 11.24 0.45
C ILE C 44 2.76 12.13 -0.64
N ILE C 45 1.98 13.09 -1.14
CA ILE C 45 2.30 13.86 -2.37
C ILE C 45 2.79 15.27 -2.02
N ASP C 46 4.07 15.56 -2.29
CA ASP C 46 4.75 16.85 -1.99
C ASP C 46 4.26 17.92 -2.96
N THR C 47 4.15 17.62 -4.27
CA THR C 47 3.78 18.59 -5.33
C THR C 47 2.68 18.04 -6.23
N PRO C 48 1.39 18.38 -5.98
CA PRO C 48 0.30 17.98 -6.86
C PRO C 48 0.43 18.53 -8.28
N MET C 49 -0.13 17.80 -9.25
CA MET C 49 -0.19 18.26 -10.64
C MET C 49 -1.39 17.61 -11.35
N ASP C 50 -1.93 18.30 -12.35
CA ASP C 50 -3.12 17.87 -13.13
C ASP C 50 -3.09 18.53 -14.50
N PHE C 51 -3.85 18.00 -15.47
CA PHE C 51 -3.77 18.46 -16.87
C PHE C 51 -4.34 19.89 -17.05
N ALA C 52 -5.27 20.32 -16.20
CA ALA C 52 -5.83 21.70 -16.27
C ALA C 52 -4.74 22.71 -15.90
N THR C 53 -3.95 22.44 -14.85
CA THR C 53 -2.79 23.28 -14.45
C THR C 53 -1.77 23.36 -15.60
N VAL C 54 -1.45 22.22 -16.22
CA VAL C 54 -0.44 22.19 -17.31
C VAL C 54 -0.98 23.06 -18.47
N ARG C 55 -2.24 22.86 -18.87
CA ARG C 55 -2.89 23.58 -19.99
C ARG C 55 -2.86 25.09 -19.71
N GLU C 56 -3.17 25.49 -18.49
CA GLU C 56 -3.19 26.92 -18.06
C GLU C 56 -1.78 27.51 -18.15
N THR C 57 -0.76 26.79 -17.64
CA THR C 57 0.66 27.21 -17.66
C THR C 57 1.10 27.45 -19.10
N LEU C 58 0.75 26.55 -20.01
CA LEU C 58 1.09 26.66 -21.45
C LEU C 58 0.39 27.89 -22.05
N GLU C 59 -0.93 28.00 -21.87
CA GLU C 59 -1.78 29.10 -22.43
C GLU C 59 -1.21 30.46 -22.00
N ALA C 60 -0.72 30.58 -20.77
CA ALA C 60 -0.12 31.81 -20.20
C ALA C 60 1.30 32.03 -20.73
N GLY C 61 1.84 31.11 -21.55
CA GLY C 61 3.23 31.17 -22.05
C GLY C 61 4.28 31.08 -20.95
N ASN C 62 4.04 30.36 -19.85
CA ASN C 62 4.98 30.27 -18.71
C ASN C 62 5.82 29.00 -18.77
N TYR C 63 5.82 28.29 -19.90
CA TYR C 63 6.81 27.24 -20.23
C TYR C 63 7.78 27.84 -21.25
N GLU C 64 9.08 27.76 -20.99
CA GLU C 64 10.11 28.26 -21.94
C GLU C 64 10.56 27.14 -22.88
N SER C 65 10.25 25.87 -22.61
CA SER C 65 10.69 24.74 -23.45
C SER C 65 9.72 23.58 -23.29
N PRO C 66 9.63 22.67 -24.28
CA PRO C 66 8.75 21.52 -24.14
C PRO C 66 9.18 20.57 -23.02
N MET C 67 10.47 20.55 -22.65
CA MET C 67 10.97 19.65 -21.59
C MET C 67 10.38 20.09 -20.25
N GLU C 68 10.19 21.40 -20.03
CA GLU C 68 9.53 21.92 -18.79
C GLU C 68 8.10 21.36 -18.71
N LEU C 69 7.36 21.38 -19.81
CA LEU C 69 5.97 20.84 -19.83
C LEU C 69 6.00 19.32 -19.62
N CYS C 70 6.90 18.61 -20.28
CA CYS C 70 7.06 17.13 -20.17
C CYS C 70 7.23 16.70 -18.69
N LYS C 71 8.06 17.43 -17.94
CA LYS C 71 8.40 17.05 -16.55
C LYS C 71 7.16 17.27 -15.69
N ASP C 72 6.29 18.25 -15.97
CA ASP C 72 5.04 18.45 -15.18
C ASP C 72 4.10 17.29 -15.48
N VAL C 73 3.96 16.87 -16.74
CA VAL C 73 3.04 15.74 -17.08
C VAL C 73 3.56 14.45 -16.43
N ARG C 74 4.88 14.22 -16.42
CA ARG C 74 5.47 13.01 -15.80
C ARG C 74 5.12 12.97 -14.30
N LEU C 75 5.07 14.11 -13.66
CA LEU C 75 4.74 14.23 -12.22
C LEU C 75 3.28 13.80 -11.98
N ILE C 76 2.36 14.04 -12.91
CA ILE C 76 0.96 13.55 -12.80
C ILE C 76 0.98 12.03 -12.60
N PHE C 77 1.75 11.32 -13.42
CA PHE C 77 1.80 9.84 -13.40
C PHE C 77 2.64 9.34 -12.23
N SER C 78 3.71 10.04 -11.86
CA SER C 78 4.54 9.67 -10.67
C SER C 78 3.70 9.82 -9.39
N ASN C 79 2.90 10.87 -9.26
CA ASN C 79 2.00 11.05 -8.08
C ASN C 79 0.94 9.94 -8.07
N SER C 80 0.35 9.61 -9.21
CA SER C 80 -0.71 8.56 -9.29
C SER C 80 -0.17 7.23 -8.74
N LYS C 81 1.03 6.82 -9.17
CA LYS C 81 1.67 5.56 -8.74
C LYS C 81 2.01 5.63 -7.24
N ALA C 82 2.54 6.75 -6.75
CA ALA C 82 2.97 6.88 -5.34
C ALA C 82 1.74 6.73 -4.41
N TYR C 83 0.59 7.31 -4.79
CA TYR C 83 -0.63 7.36 -3.90
C TYR C 83 -1.38 6.02 -4.01
N THR C 84 -1.44 5.40 -5.19
CA THR C 84 -2.11 4.10 -5.41
C THR C 84 -1.18 3.14 -6.17
N PRO C 85 -0.23 2.49 -5.47
CA PRO C 85 0.76 1.62 -6.15
C PRO C 85 0.26 0.23 -6.56
N SER C 86 -0.92 -0.20 -6.15
CA SER C 86 -1.49 -1.50 -6.56
C SER C 86 -1.58 -1.57 -8.09
N LYS C 87 -0.82 -2.48 -8.71
CA LYS C 87 -0.65 -2.55 -10.18
C LYS C 87 -1.95 -2.94 -10.89
N ARG C 88 -2.85 -3.66 -10.23
CA ARG C 88 -4.14 -4.10 -10.86
C ARG C 88 -5.31 -3.26 -10.33
N SER C 89 -5.07 -2.10 -9.71
CA SER C 89 -6.13 -1.11 -9.41
C SER C 89 -6.58 -0.44 -10.72
N ARG C 90 -7.82 0.06 -10.77
CA ARG C 90 -8.37 0.76 -11.96
C ARG C 90 -7.53 2.00 -12.27
N ILE C 91 -7.17 2.81 -11.27
CA ILE C 91 -6.40 4.06 -11.57
C ILE C 91 -5.01 3.72 -12.13
N TYR C 92 -4.36 2.67 -11.65
CA TYR C 92 -3.01 2.29 -12.15
C TYR C 92 -3.10 1.88 -13.63
N SER C 93 -4.12 1.14 -14.02
CA SER C 93 -4.33 0.66 -15.43
C SER C 93 -4.57 1.85 -16.39
N MET C 94 -5.42 2.78 -15.95
CA MET C 94 -5.69 4.04 -16.69
C MET C 94 -4.39 4.84 -16.82
N SER C 95 -3.59 4.95 -15.74
CA SER C 95 -2.29 5.70 -15.73
C SER C 95 -1.33 5.09 -16.78
N LEU C 96 -1.18 3.77 -16.81
CA LEU C 96 -0.23 3.09 -17.74
C LEU C 96 -0.60 3.40 -19.20
N ARG C 97 -1.88 3.31 -19.56
CA ARG C 97 -2.34 3.49 -20.97
C ARG C 97 -2.15 4.96 -21.39
N LEU C 98 -2.55 5.91 -20.54
CA LEU C 98 -2.50 7.35 -20.88
C LEU C 98 -1.03 7.82 -20.95
N SER C 99 -0.19 7.29 -20.07
CA SER C 99 1.26 7.61 -20.03
C SER C 99 1.91 7.15 -21.34
N ALA C 100 1.65 5.91 -21.79
CA ALA C 100 2.15 5.37 -23.08
C ALA C 100 1.72 6.29 -24.23
N PHE C 101 0.46 6.71 -24.26
CA PHE C 101 -0.08 7.61 -25.33
C PHE C 101 0.73 8.92 -25.33
N PHE C 102 0.89 9.55 -24.16
CA PHE C 102 1.65 10.81 -24.03
C PHE C 102 3.09 10.63 -24.51
N GLU C 103 3.79 9.61 -24.05
CA GLU C 103 5.25 9.42 -24.32
C GLU C 103 5.48 9.19 -25.83
N GLU C 104 4.58 8.46 -26.49
CA GLU C 104 4.68 8.14 -27.93
C GLU C 104 4.62 9.44 -28.75
N HIS C 105 3.77 10.40 -28.36
CA HIS C 105 3.56 11.66 -29.11
C HIS C 105 4.58 12.72 -28.70
N ILE C 106 5.03 12.75 -27.45
CA ILE C 106 5.92 13.85 -26.97
C ILE C 106 7.35 13.64 -27.50
N SER C 107 7.75 12.40 -27.76
CA SER C 107 9.15 12.08 -28.18
C SER C 107 9.55 12.92 -29.42
N SER C 108 8.70 12.98 -30.45
CA SER C 108 9.04 13.70 -31.71
C SER C 108 8.92 15.21 -31.48
N VAL C 109 8.10 15.68 -30.54
CA VAL C 109 8.05 17.13 -30.16
C VAL C 109 9.41 17.52 -29.57
N LEU C 110 9.97 16.71 -28.67
CA LEU C 110 11.28 17.00 -28.03
C LEU C 110 12.42 16.95 -29.08
N SER C 111 12.46 15.94 -29.95
CA SER C 111 13.57 15.77 -30.92
C SER C 111 13.53 16.86 -32.00
N ASP C 112 12.34 17.22 -32.49
CA ASP C 112 12.16 18.35 -33.45
C ASP C 112 12.66 19.65 -32.81
N TYR C 113 12.33 19.91 -31.54
CA TYR C 113 12.74 21.13 -30.82
C TYR C 113 14.27 21.17 -30.66
N LYS C 114 14.88 20.04 -30.28
CA LYS C 114 16.36 19.91 -30.12
C LYS C 114 17.08 20.20 -31.45
N SER C 115 16.57 19.65 -32.57
CA SER C 115 17.08 19.92 -33.94
C SER C 115 17.04 21.43 -34.24
N ALA C 116 15.89 22.05 -34.05
CA ALA C 116 15.64 23.50 -34.27
C ALA C 116 16.63 24.32 -33.43
N LEU C 117 16.87 23.91 -32.19
CA LEU C 117 17.71 24.66 -31.21
C LEU C 117 19.16 24.66 -31.67
N ARG C 118 19.68 23.54 -32.19
CA ARG C 118 21.03 23.47 -32.79
C ARG C 118 21.23 24.64 -33.77
N PHE C 119 20.31 24.83 -34.72
CA PHE C 119 20.37 25.86 -35.79
C PHE C 119 20.49 27.28 -35.22
N HIS C 120 19.79 27.61 -34.14
CA HIS C 120 19.66 28.99 -33.58
C HIS C 120 20.99 29.46 -32.97
N TYR D 4 22.42 41.05 -16.28
CA TYR D 4 21.46 40.67 -17.38
C TYR D 4 22.09 39.61 -18.29
N ASP D 5 22.78 38.64 -17.68
CA ASP D 5 23.57 37.57 -18.37
C ASP D 5 22.73 36.27 -18.41
N ILE D 6 22.34 35.79 -19.60
CA ILE D 6 21.47 34.58 -19.73
C ILE D 6 22.26 33.27 -19.49
N GLN D 7 23.59 33.35 -19.30
CA GLN D 7 24.46 32.18 -19.08
C GLN D 7 24.85 32.08 -17.61
N ALA D 8 24.59 33.13 -16.82
CA ALA D 8 25.09 33.27 -15.44
C ALA D 8 24.55 32.13 -14.55
N TRP D 9 23.35 31.59 -14.85
CA TRP D 9 22.67 30.55 -14.02
C TRP D 9 23.51 29.26 -13.96
N LYS D 10 24.25 28.95 -15.04
CA LYS D 10 25.03 27.69 -15.15
C LYS D 10 26.04 27.63 -14.01
N LYS D 11 26.86 28.68 -13.84
CA LYS D 11 27.90 28.67 -12.78
C LYS D 11 27.25 28.86 -11.40
N GLN D 12 26.21 29.68 -11.27
CA GLN D 12 25.42 29.81 -9.99
C GLN D 12 24.91 28.43 -9.54
N CYS D 13 24.32 27.63 -10.44
CA CYS D 13 23.73 26.30 -10.11
C CYS D 13 24.86 25.32 -9.78
N GLU D 14 26.01 25.43 -10.47
CA GLU D 14 27.21 24.61 -10.17
C GLU D 14 27.65 24.87 -8.72
N GLU D 15 27.71 26.14 -8.29
CA GLU D 15 28.16 26.51 -6.92
C GLU D 15 27.10 26.08 -5.91
N LEU D 16 25.80 26.23 -6.21
CA LEU D 16 24.71 25.80 -5.27
C LEU D 16 24.84 24.28 -5.06
N LEU D 17 25.03 23.50 -6.12
CA LEU D 17 25.16 22.02 -5.97
C LEU D 17 26.42 21.69 -5.12
N ASN D 18 27.54 22.41 -5.32
CA ASN D 18 28.76 22.25 -4.47
C ASN D 18 28.41 22.49 -2.99
N LEU D 19 27.65 23.53 -2.66
CA LEU D 19 27.18 23.81 -1.28
C LEU D 19 26.30 22.66 -0.77
N ILE D 20 25.40 22.12 -1.61
CA ILE D 20 24.47 21.03 -1.20
C ILE D 20 25.32 19.81 -0.81
N PHE D 21 26.28 19.42 -1.65
CA PHE D 21 27.13 18.23 -1.39
C PHE D 21 27.92 18.39 -0.08
N GLN D 22 28.19 19.61 0.36
CA GLN D 22 28.95 19.93 1.61
C GLN D 22 28.04 19.85 2.84
N CYS D 23 26.71 20.05 2.68
CA CYS D 23 25.69 20.02 3.76
C CYS D 23 25.46 18.57 4.21
N GLU D 24 25.50 18.32 5.52
CA GLU D 24 25.33 16.96 6.11
C GLU D 24 23.98 16.36 5.69
N ASP D 25 22.96 17.19 5.55
CA ASP D 25 21.56 16.80 5.26
C ASP D 25 21.45 16.16 3.87
N SER D 26 22.44 16.36 2.97
CA SER D 26 22.41 15.88 1.57
C SER D 26 22.85 14.42 1.47
N GLU D 27 23.44 13.84 2.51
CA GLU D 27 24.13 12.52 2.45
C GLU D 27 23.23 11.46 1.83
N PRO D 28 21.96 11.28 2.25
CA PRO D 28 21.06 10.27 1.66
C PRO D 28 20.72 10.47 0.17
N PHE D 29 20.97 11.67 -0.37
CA PHE D 29 20.55 12.11 -1.73
C PHE D 29 21.76 12.31 -2.65
N ARG D 30 22.98 11.96 -2.23
CA ARG D 30 24.23 12.25 -3.02
C ARG D 30 24.43 11.25 -4.14
N GLN D 31 23.79 10.09 -4.04
CA GLN D 31 23.94 8.98 -5.01
C GLN D 31 22.57 8.32 -5.10
N PRO D 32 22.28 7.54 -6.17
CA PRO D 32 21.01 6.85 -6.29
C PRO D 32 20.65 6.09 -5.02
N VAL D 33 19.36 6.03 -4.68
CA VAL D 33 18.86 5.16 -3.58
C VAL D 33 19.33 3.73 -3.88
N ASP D 34 19.74 2.98 -2.88
CA ASP D 34 20.28 1.60 -3.03
C ASP D 34 19.13 0.60 -3.14
N LEU D 35 18.90 0.06 -4.35
CA LEU D 35 17.70 -0.79 -4.65
C LEU D 35 17.96 -2.22 -4.13
N LEU D 36 19.21 -2.58 -3.78
CA LEU D 36 19.50 -3.86 -3.08
C LEU D 36 19.05 -3.74 -1.62
N GLU D 37 19.34 -2.62 -0.97
CA GLU D 37 18.93 -2.34 0.43
C GLU D 37 17.40 -2.11 0.50
N TYR D 38 16.79 -1.50 -0.52
CA TYR D 38 15.35 -1.13 -0.53
C TYR D 38 14.68 -1.69 -1.78
N PRO D 39 14.47 -3.03 -1.88
CA PRO D 39 14.03 -3.63 -3.15
C PRO D 39 12.57 -3.30 -3.52
N ASP D 40 11.77 -2.78 -2.60
CA ASP D 40 10.37 -2.33 -2.87
C ASP D 40 10.31 -0.86 -3.31
N TYR D 41 11.44 -0.14 -3.39
CA TYR D 41 11.50 1.31 -3.75
C TYR D 41 10.84 1.57 -5.11
N ARG D 42 11.13 0.74 -6.11
CA ARG D 42 10.58 0.89 -7.49
C ARG D 42 9.09 0.51 -7.56
N ASP D 43 8.51 -0.16 -6.56
CA ASP D 43 7.02 -0.31 -6.52
C ASP D 43 6.33 1.03 -6.21
N ILE D 44 7.01 1.96 -5.53
CA ILE D 44 6.44 3.27 -5.08
C ILE D 44 6.89 4.37 -6.04
N ILE D 45 8.16 4.32 -6.46
CA ILE D 45 8.85 5.44 -7.15
C ILE D 45 9.01 5.12 -8.64
N ASP D 46 8.43 5.98 -9.48
CA ASP D 46 8.45 5.91 -10.97
C ASP D 46 9.85 6.24 -11.51
N THR D 47 10.43 7.36 -11.08
CA THR D 47 11.67 7.97 -11.67
C THR D 47 12.62 8.38 -10.56
N PRO D 48 13.61 7.53 -10.18
CA PRO D 48 14.60 7.89 -9.17
C PRO D 48 15.44 9.11 -9.58
N MET D 49 15.94 9.85 -8.59
CA MET D 49 16.76 11.05 -8.85
C MET D 49 17.60 11.37 -7.61
N ASP D 50 18.79 11.96 -7.85
CA ASP D 50 19.82 12.24 -6.82
C ASP D 50 20.69 13.40 -7.31
N PHE D 51 21.44 14.02 -6.43
CA PHE D 51 22.22 15.25 -6.71
C PHE D 51 23.41 14.97 -7.62
N ALA D 52 23.97 13.76 -7.62
CA ALA D 52 25.11 13.41 -8.50
C ALA D 52 24.61 13.39 -9.95
N THR D 53 23.43 12.81 -10.19
CA THR D 53 22.78 12.82 -11.54
C THR D 53 22.51 14.26 -11.98
N VAL D 54 21.98 15.11 -11.10
CA VAL D 54 21.68 16.53 -11.45
C VAL D 54 22.99 17.24 -11.85
N ARG D 55 24.04 17.08 -11.06
CA ARG D 55 25.37 17.72 -11.29
C ARG D 55 25.93 17.24 -12.64
N GLU D 56 25.81 15.96 -12.93
CA GLU D 56 26.30 15.34 -14.21
C GLU D 56 25.51 15.91 -15.39
N THR D 57 24.18 16.00 -15.28
CA THR D 57 23.29 16.51 -16.35
C THR D 57 23.68 17.96 -16.66
N LEU D 58 23.95 18.77 -15.64
CA LEU D 58 24.38 20.17 -15.80
C LEU D 58 25.74 20.21 -16.53
N GLU D 59 26.74 19.49 -16.01
CA GLU D 59 28.14 19.44 -16.53
C GLU D 59 28.12 19.07 -18.02
N ALA D 60 27.24 18.15 -18.42
CA ALA D 60 27.08 17.69 -19.82
C ALA D 60 26.32 18.71 -20.66
N GLY D 61 25.86 19.83 -20.08
CA GLY D 61 25.06 20.85 -20.78
C GLY D 61 23.72 20.33 -21.27
N ASN D 62 23.06 19.42 -20.55
CA ASN D 62 21.75 18.86 -20.99
C ASN D 62 20.58 19.57 -20.30
N TYR D 63 20.82 20.66 -19.55
CA TYR D 63 19.74 21.56 -19.08
C TYR D 63 19.80 22.84 -19.92
N GLU D 64 18.68 23.25 -20.52
CA GLU D 64 18.62 24.49 -21.34
C GLU D 64 18.29 25.70 -20.48
N SER D 65 17.80 25.53 -19.25
CA SER D 65 17.33 26.63 -18.36
C SER D 65 17.42 26.18 -16.91
N PRO D 66 17.49 27.09 -15.94
CA PRO D 66 17.49 26.67 -14.53
C PRO D 66 16.16 26.02 -14.10
N MET D 67 15.04 26.33 -14.77
CA MET D 67 13.72 25.72 -14.45
C MET D 67 13.77 24.21 -14.78
N GLU D 68 14.47 23.81 -15.85
CA GLU D 68 14.65 22.36 -16.21
C GLU D 68 15.39 21.67 -15.06
N LEU D 69 16.43 22.29 -14.52
CA LEU D 69 17.20 21.73 -13.39
C LEU D 69 16.32 21.60 -12.15
N CYS D 70 15.54 22.65 -11.84
CA CYS D 70 14.55 22.64 -10.73
C CYS D 70 13.59 21.44 -10.81
N LYS D 71 13.14 21.04 -11.99
CA LYS D 71 12.22 19.88 -12.17
C LYS D 71 12.86 18.60 -11.64
N ASP D 72 14.15 18.38 -11.91
CA ASP D 72 14.85 17.17 -11.41
C ASP D 72 15.03 17.29 -9.89
N VAL D 73 15.36 18.46 -9.37
CA VAL D 73 15.56 18.62 -7.89
C VAL D 73 14.23 18.36 -7.18
N ARG D 74 13.11 18.83 -7.74
CA ARG D 74 11.74 18.68 -7.15
C ARG D 74 11.46 17.18 -6.96
N LEU D 75 11.88 16.39 -7.93
CA LEU D 75 11.68 14.93 -7.95
C LEU D 75 12.42 14.26 -6.77
N ILE D 76 13.61 14.75 -6.41
CA ILE D 76 14.37 14.24 -5.24
C ILE D 76 13.46 14.33 -3.99
N PHE D 77 12.83 15.49 -3.78
CA PHE D 77 12.00 15.72 -2.56
C PHE D 77 10.64 15.03 -2.67
N SER D 78 10.05 14.98 -3.86
CA SER D 78 8.77 14.25 -4.11
C SER D 78 8.97 12.76 -3.78
N ASN D 79 10.06 12.16 -4.26
CA ASN D 79 10.36 10.72 -4.05
C ASN D 79 10.57 10.47 -2.56
N SER D 80 11.33 11.35 -1.88
CA SER D 80 11.64 11.18 -0.43
C SER D 80 10.34 11.08 0.37
N LYS D 81 9.42 12.01 0.16
CA LYS D 81 8.12 12.04 0.88
C LYS D 81 7.27 10.81 0.54
N ALA D 82 7.22 10.42 -0.74
CA ALA D 82 6.37 9.28 -1.18
C ALA D 82 6.83 7.97 -0.50
N TYR D 83 8.14 7.76 -0.37
CA TYR D 83 8.68 6.47 0.15
C TYR D 83 8.70 6.48 1.68
N THR D 84 8.99 7.63 2.31
CA THR D 84 9.00 7.76 3.80
C THR D 84 8.18 8.98 4.23
N PRO D 85 6.83 8.88 4.30
CA PRO D 85 6.01 10.01 4.68
C PRO D 85 5.98 10.36 6.19
N SER D 86 6.50 9.48 7.06
CA SER D 86 6.42 9.67 8.52
C SER D 86 7.14 10.97 8.92
N LYS D 87 6.38 11.91 9.47
CA LYS D 87 6.86 13.23 9.96
C LYS D 87 7.83 13.06 11.15
N ARG D 88 7.88 11.91 11.80
CA ARG D 88 8.82 11.67 12.93
C ARG D 88 10.15 11.05 12.46
N SER D 89 10.29 10.69 11.18
CA SER D 89 11.51 10.02 10.67
C SER D 89 12.64 11.04 10.53
N ARG D 90 13.88 10.56 10.62
CA ARG D 90 15.10 11.39 10.41
C ARG D 90 15.11 11.89 8.95
N ILE D 91 14.81 11.05 7.98
CA ILE D 91 14.92 11.46 6.54
C ILE D 91 13.88 12.55 6.22
N TYR D 92 12.69 12.55 6.83
CA TYR D 92 11.66 13.60 6.58
C TYR D 92 12.22 14.96 7.01
N SER D 93 12.86 15.03 8.18
CA SER D 93 13.37 16.31 8.73
C SER D 93 14.56 16.80 7.90
N MET D 94 15.46 15.89 7.50
CA MET D 94 16.59 16.20 6.57
C MET D 94 16.03 16.75 5.25
N SER D 95 14.96 16.15 4.71
CA SER D 95 14.33 16.56 3.43
C SER D 95 13.77 17.99 3.58
N LEU D 96 13.06 18.26 4.66
CA LEU D 96 12.42 19.59 4.87
C LEU D 96 13.51 20.69 4.93
N ARG D 97 14.60 20.46 5.65
CA ARG D 97 15.67 21.49 5.86
C ARG D 97 16.42 21.72 4.55
N LEU D 98 16.77 20.65 3.81
CA LEU D 98 17.55 20.77 2.55
C LEU D 98 16.67 21.40 1.46
N SER D 99 15.37 21.10 1.44
CA SER D 99 14.39 21.69 0.50
C SER D 99 14.31 23.20 0.73
N ALA D 100 14.16 23.63 2.00
CA ALA D 100 14.14 25.07 2.40
C ALA D 100 15.44 25.74 1.93
N PHE D 101 16.60 25.12 2.18
CA PHE D 101 17.93 25.64 1.80
C PHE D 101 17.99 25.83 0.28
N PHE D 102 17.60 24.83 -0.49
CA PHE D 102 17.59 24.89 -1.98
C PHE D 102 16.69 26.03 -2.45
N GLU D 103 15.44 26.10 -1.97
CA GLU D 103 14.45 27.10 -2.44
C GLU D 103 14.95 28.52 -2.16
N GLU D 104 15.57 28.76 -1.00
CA GLU D 104 16.05 30.10 -0.55
C GLU D 104 17.14 30.58 -1.51
N HIS D 105 18.03 29.69 -1.97
CA HIS D 105 19.19 30.06 -2.83
C HIS D 105 18.77 30.07 -4.31
N ILE D 106 17.85 29.20 -4.73
CA ILE D 106 17.49 29.13 -6.17
C ILE D 106 16.60 30.31 -6.56
N SER D 107 15.86 30.91 -5.63
CA SER D 107 14.85 31.96 -5.96
C SER D 107 15.50 33.11 -6.73
N SER D 108 16.64 33.62 -6.27
CA SER D 108 17.37 34.75 -6.91
C SER D 108 17.96 34.32 -8.27
N VAL D 109 18.38 33.05 -8.39
CA VAL D 109 18.89 32.49 -9.67
C VAL D 109 17.77 32.53 -10.71
N LEU D 110 16.57 32.08 -10.34
CA LEU D 110 15.41 32.05 -11.29
C LEU D 110 14.98 33.49 -11.66
N SER D 111 14.89 34.41 -10.70
CA SER D 111 14.38 35.79 -11.00
C SER D 111 15.41 36.57 -11.85
N ASP D 112 16.70 36.43 -11.54
CA ASP D 112 17.80 37.03 -12.36
C ASP D 112 17.71 36.50 -13.80
N TYR D 113 17.52 35.18 -13.97
CA TYR D 113 17.45 34.53 -15.31
C TYR D 113 16.23 35.07 -16.08
N LYS D 114 15.07 35.15 -15.43
CA LYS D 114 13.80 35.63 -16.04
C LYS D 114 13.96 37.09 -16.52
N SER D 115 14.58 37.96 -15.69
CA SER D 115 14.93 39.36 -16.05
C SER D 115 15.75 39.40 -17.34
N ALA D 116 16.85 38.65 -17.35
CA ALA D 116 17.81 38.55 -18.48
C ALA D 116 17.06 38.11 -19.74
N LEU D 117 16.16 37.12 -19.61
CA LEU D 117 15.45 36.48 -20.75
C LEU D 117 14.53 37.53 -21.40
N ARG D 118 13.82 38.35 -20.62
CA ARG D 118 12.97 39.46 -21.14
C ARG D 118 13.77 40.29 -22.17
N PHE D 119 14.98 40.72 -21.82
CA PHE D 119 15.86 41.60 -22.65
C PHE D 119 16.17 40.96 -24.01
N HIS D 120 16.44 39.64 -24.06
CA HIS D 120 16.97 38.93 -25.24
C HIS D 120 15.93 38.82 -26.36
N SER E 1 -7.86 4.39 2.04
CA SER E 1 -7.16 5.31 3.13
C SER E 1 -5.97 4.59 3.80
N GLY E 2 -4.84 4.55 3.09
CA GLY E 2 -3.90 3.42 3.06
C GLY E 2 -3.96 2.75 1.69
N ARG E 3 -5.13 2.76 1.03
CA ARG E 3 -5.33 2.15 -0.31
C ARG E 3 -5.51 3.21 -1.42
N GLY E 4 -5.38 4.50 -1.10
CA GLY E 4 -5.48 5.56 -2.13
C GLY E 4 -6.82 5.53 -2.87
OH ALY E 5 -4.52 9.87 -7.61
CH ALY E 5 -5.49 10.33 -8.21
CH3 ALY E 5 -5.36 10.91 -9.57
NZ ALY E 5 -6.70 10.33 -7.69
CE ALY E 5 -6.95 9.82 -6.36
CD ALY E 5 -7.75 8.55 -6.36
CG ALY E 5 -6.95 7.31 -6.29
CB ALY E 5 -7.79 6.04 -6.32
CA ALY E 5 -8.00 5.36 -4.96
N ALY E 5 -6.77 5.39 -4.20
C ALY E 5 -8.52 3.94 -5.15
O ALY E 5 -9.39 3.72 -5.97
N GLY E 6 -7.98 2.96 -4.45
CA GLY E 6 -8.22 1.58 -4.82
C GLY E 6 -9.08 0.80 -3.84
N GLY E 7 -9.78 1.43 -2.90
CA GLY E 7 -10.73 0.63 -2.08
C GLY E 7 -12.02 0.36 -2.84
OH ALY E 8 -14.30 -6.35 0.27
CH ALY E 8 -15.30 -6.83 -0.29
CH3 ALY E 8 -16.19 -7.84 0.37
NZ ALY E 8 -15.66 -6.46 -1.53
CE ALY E 8 -15.08 -5.36 -2.26
CD ALY E 8 -15.52 -4.02 -1.71
CG ALY E 8 -14.64 -2.98 -2.31
CB ALY E 8 -15.10 -1.56 -2.08
CA ALY E 8 -14.27 -0.54 -2.85
N ALY E 8 -12.91 -0.47 -2.32
C ALY E 8 -14.97 0.83 -2.85
O ALY E 8 -15.86 1.03 -3.66
N LEU E 10 -14.59 1.76 -1.94
CA LEU E 10 -15.02 3.15 -1.99
C LEU E 10 -14.06 4.01 -1.13
N GLY F 2 7.05 4.42 7.10
CA GLY F 2 7.11 4.36 5.60
C GLY F 2 5.84 3.81 4.94
N ARG F 3 5.99 2.85 4.02
CA ARG F 3 4.88 2.24 3.24
C ARG F 3 4.89 0.75 3.62
N GLY F 4 4.14 0.40 4.67
CA GLY F 4 4.23 -0.91 5.36
C GLY F 4 5.58 -1.06 6.08
OH ALY F 5 3.77 -6.42 9.75
CH ALY F 5 4.68 -6.62 10.57
CH3 ALY F 5 4.91 -7.98 11.17
NZ ALY F 5 5.54 -5.64 10.96
CE ALY F 5 5.46 -4.26 10.50
CD ALY F 5 6.57 -3.87 9.53
CG ALY F 5 6.49 -4.53 8.16
CB ALY F 5 7.52 -4.04 7.13
CA ALY F 5 7.40 -2.57 6.70
N ALY F 5 6.07 -2.30 6.16
C ALY F 5 8.46 -2.14 5.68
O ALY F 5 9.62 -2.55 5.80
N GLY F 6 8.04 -1.37 4.66
CA GLY F 6 8.92 -0.60 3.77
C GLY F 6 9.21 0.78 4.31
N GLY F 7 9.79 1.67 3.48
CA GLY F 7 10.38 2.96 3.91
C GLY F 7 11.72 2.78 4.64
OH ALY F 8 14.46 7.91 0.07
CH ALY F 8 15.67 7.96 0.20
CH3 ALY F 8 16.48 9.08 -0.37
NZ ALY F 8 16.37 7.02 0.83
CE ALY F 8 15.80 5.84 1.45
CD ALY F 8 15.38 6.14 2.86
CG ALY F 8 14.84 4.94 3.53
CB ALY F 8 14.23 5.21 4.90
CA ALY F 8 13.63 3.97 5.58
N ALY F 8 12.22 3.89 5.19
C ALY F 8 13.86 3.98 7.11
O ALY F 8 15.00 3.82 7.54
N LEU F 10 12.82 4.19 7.94
CA LEU F 10 13.02 4.22 9.40
C LEU F 10 11.95 3.39 10.09
C1 EDO G . -1.25 -8.84 18.74
O1 EDO G . -0.23 -9.68 18.24
C2 EDO G . -1.37 -8.69 20.22
O2 EDO G . -1.65 -7.35 20.57
C ACT H . -20.09 -1.86 -2.03
O ACT H . -19.88 -2.56 -1.04
OXT ACT H . -19.67 -0.70 -2.13
CH3 ACT H . -20.87 -2.45 -3.21
C ACT I . -11.53 5.87 -10.40
O ACT I . -11.88 6.00 -9.22
OXT ACT I . -10.44 5.42 -10.74
CH3 ACT I . -12.49 6.33 -11.51
#